data_6GY2
#
_entry.id   6GY2
#
_cell.length_a   50.000
_cell.length_b   56.040
_cell.length_c   61.030
_cell.angle_alpha   80.790
_cell.angle_beta   79.230
_cell.angle_gamma   65.050
#
_symmetry.space_group_name_H-M   'P 1'
#
loop_
_entity.id
_entity.type
_entity.pdbx_description
1 polymer 'Serine/threonine-protein kinase PLK1'
2 polymer 'Phosphopeptide of BRCA2'
3 non-polymer GLYCEROL
4 water water
#
loop_
_entity_poly.entity_id
_entity_poly.type
_entity_poly.pdbx_seq_one_letter_code
_entity_poly.pdbx_strand_id
1 'polypeptide(L)'
;AMDPEFETGEVVDCHLSDMLQQLHSVNASKPSERGLVRQEEAEDPACIPIFWVSKWVDYSDKYGLGYQLCDNSVGVLFND
STRLILYNDGDSLQYIERDGTESYLTVSSHPNSLMKKITLLKYFRNYMSEHLLKAGANITPREGDELARLPYLRTWFRTR
SAIILHLSNGSVQINFFQDHTKLILCPLMAAVTYIDEKRDFRTYRLSLLEEYGCCKELASRLRYARTMVDKLLSSRSASN
RLKAS
;
A,B
2 'polypeptide(L)' WSSSLATPPTLSS(TPO)VLI C,D
#
# COMPACT_ATOMS: atom_id res chain seq x y z
N VAL A 12 -3.86 -4.81 -7.01
CA VAL A 12 -2.61 -4.14 -7.36
C VAL A 12 -2.51 -2.75 -6.67
N ASP A 13 -3.49 -2.46 -5.80
CA ASP A 13 -3.67 -1.23 -5.03
C ASP A 13 -2.66 -1.12 -3.87
N CYS A 14 -2.84 -1.99 -2.84
CA CYS A 14 -2.05 -2.06 -1.61
C CYS A 14 -0.58 -2.45 -1.80
N HIS A 15 -0.12 -2.48 -3.08
CA HIS A 15 1.22 -2.89 -3.48
C HIS A 15 2.33 -1.96 -3.04
N LEU A 16 2.07 -0.64 -2.94
CA LEU A 16 3.06 0.33 -2.49
C LEU A 16 3.56 0.04 -1.07
N SER A 17 2.66 -0.34 -0.14
CA SER A 17 3.04 -0.64 1.24
C SER A 17 3.91 -1.88 1.32
N ASP A 18 3.67 -2.87 0.44
CA ASP A 18 4.46 -4.11 0.36
C ASP A 18 5.87 -3.77 -0.09
N MET A 19 5.98 -2.91 -1.14
CA MET A 19 7.24 -2.43 -1.69
C MET A 19 8.02 -1.67 -0.65
N LEU A 20 7.34 -0.82 0.14
CA LEU A 20 7.95 -0.05 1.21
C LEU A 20 8.54 -0.97 2.29
N GLN A 21 7.81 -2.05 2.65
CA GLN A 21 8.27 -3.04 3.63
C GLN A 21 9.50 -3.79 3.11
N GLN A 22 9.46 -4.20 1.82
CA GLN A 22 10.55 -4.90 1.14
C GLN A 22 11.80 -4.02 1.12
N LEU A 23 11.64 -2.71 0.82
CA LEU A 23 12.75 -1.75 0.80
C LEU A 23 13.30 -1.51 2.20
N HIS A 24 12.41 -1.40 3.22
CA HIS A 24 12.81 -1.22 4.61
C HIS A 24 13.72 -2.38 5.03
N SER A 25 13.30 -3.62 4.71
CA SER A 25 14.01 -4.84 5.02
C SER A 25 15.43 -4.87 4.44
N VAL A 26 15.57 -4.57 3.13
CA VAL A 26 16.86 -4.58 2.45
C VAL A 26 17.76 -3.43 2.97
N ASN A 27 17.21 -2.21 3.12
CA ASN A 27 17.99 -1.07 3.57
C ASN A 27 18.47 -1.19 5.02
N ALA A 28 17.64 -1.82 5.88
CA ALA A 28 17.97 -2.06 7.29
C ALA A 28 19.12 -3.06 7.43
N SER A 29 19.24 -3.99 6.47
CA SER A 29 20.30 -4.98 6.49
C SER A 29 21.69 -4.41 6.13
N LYS A 30 21.77 -3.10 5.71
CA LYS A 30 23.00 -2.39 5.30
C LYS A 30 23.76 -3.27 4.29
N PRO A 31 23.21 -3.45 3.07
CA PRO A 31 23.79 -4.42 2.12
C PRO A 31 25.18 -4.11 1.58
N SER A 32 25.60 -2.85 1.57
CA SER A 32 26.94 -2.54 1.07
C SER A 32 28.01 -2.62 2.17
N GLU A 33 27.58 -2.94 3.40
CA GLU A 33 28.48 -3.02 4.55
C GLU A 33 28.88 -4.47 4.98
N ARG A 34 28.70 -5.47 4.09
CA ARG A 34 29.06 -6.87 4.37
C ARG A 34 30.57 -7.09 4.32
N GLY A 35 31.04 -8.18 4.93
CA GLY A 35 32.43 -8.60 4.94
C GLY A 35 32.92 -8.80 3.53
N LEU A 36 32.10 -9.47 2.71
CA LEU A 36 32.30 -9.69 1.29
C LEU A 36 30.93 -9.68 0.60
N VAL A 37 30.65 -8.65 -0.20
CA VAL A 37 29.38 -8.58 -0.89
C VAL A 37 29.45 -9.41 -2.16
N ARG A 38 28.49 -10.34 -2.30
CA ARG A 38 28.41 -11.24 -3.44
C ARG A 38 27.08 -11.05 -4.16
N GLN A 39 26.94 -9.85 -4.73
CA GLN A 39 25.77 -9.34 -5.45
C GLN A 39 25.30 -10.26 -6.57
N GLU A 40 26.24 -10.86 -7.32
CA GLU A 40 25.96 -11.79 -8.41
C GLU A 40 25.09 -12.96 -7.98
N GLU A 41 25.22 -13.41 -6.71
CA GLU A 41 24.43 -14.52 -6.15
C GLU A 41 22.97 -14.12 -5.87
N ALA A 42 22.67 -12.82 -5.91
CA ALA A 42 21.33 -12.29 -5.69
C ALA A 42 20.55 -12.12 -7.01
N GLU A 43 21.20 -12.35 -8.16
CA GLU A 43 20.57 -12.22 -9.48
C GLU A 43 19.53 -13.31 -9.72
N ASP A 44 18.43 -12.95 -10.42
CA ASP A 44 17.36 -13.88 -10.78
C ASP A 44 16.75 -13.54 -12.15
N PRO A 45 17.14 -14.29 -13.21
CA PRO A 45 16.59 -14.04 -14.56
C PRO A 45 15.09 -14.28 -14.70
N ALA A 46 14.53 -15.15 -13.83
CA ALA A 46 13.10 -15.48 -13.83
C ALA A 46 12.23 -14.31 -13.32
N CYS A 47 12.86 -13.32 -12.67
CA CYS A 47 12.17 -12.16 -12.11
C CYS A 47 12.13 -10.94 -13.04
N ILE A 48 12.64 -11.07 -14.28
CA ILE A 48 12.65 -9.97 -15.26
C ILE A 48 11.23 -9.43 -15.49
N PRO A 49 11.01 -8.11 -15.33
CA PRO A 49 9.66 -7.55 -15.52
C PRO A 49 9.18 -7.66 -16.98
N ILE A 50 7.86 -7.73 -17.15
CA ILE A 50 7.23 -7.80 -18.47
C ILE A 50 7.12 -6.37 -19.04
N PHE A 51 6.77 -5.40 -18.17
CA PHE A 51 6.56 -4.01 -18.56
C PHE A 51 7.43 -3.02 -17.82
N TRP A 52 7.85 -1.97 -18.55
CA TRP A 52 8.57 -0.80 -18.05
C TRP A 52 8.45 0.33 -19.07
N VAL A 53 8.74 1.56 -18.63
CA VAL A 53 8.70 2.76 -19.46
C VAL A 53 10.03 2.86 -20.23
N SER A 54 9.98 2.71 -21.57
CA SER A 54 11.16 2.79 -22.43
C SER A 54 11.45 4.22 -22.92
N LYS A 55 10.41 5.09 -23.03
CA LYS A 55 10.52 6.51 -23.45
C LYS A 55 9.48 7.34 -22.69
N TRP A 56 9.72 8.65 -22.51
CA TRP A 56 8.76 9.57 -21.88
C TRP A 56 9.03 11.01 -22.29
N VAL A 57 7.98 11.84 -22.26
CA VAL A 57 8.03 13.26 -22.62
C VAL A 57 7.20 14.04 -21.63
N ASP A 58 7.78 15.11 -21.09
CA ASP A 58 7.08 16.00 -20.17
C ASP A 58 6.53 17.22 -20.94
N TYR A 59 5.19 17.29 -21.06
CA TYR A 59 4.47 18.40 -21.68
C TYR A 59 3.40 18.87 -20.67
N SER A 60 3.71 18.77 -19.37
CA SER A 60 2.83 19.07 -18.25
C SER A 60 2.28 20.49 -18.16
N ASP A 61 2.95 21.47 -18.78
CA ASP A 61 2.48 22.86 -18.73
C ASP A 61 1.11 23.04 -19.40
N LYS A 62 0.84 22.26 -20.46
CA LYS A 62 -0.42 22.37 -21.19
C LYS A 62 -1.18 21.07 -21.44
N TYR A 63 -0.48 19.95 -21.68
CA TYR A 63 -1.15 18.71 -22.06
C TYR A 63 -0.97 17.56 -21.08
N GLY A 64 0.25 17.22 -20.73
CA GLY A 64 0.52 16.12 -19.80
C GLY A 64 1.76 15.31 -20.12
N LEU A 65 1.86 14.12 -19.55
CA LEU A 65 3.03 13.27 -19.76
C LEU A 65 2.77 12.11 -20.69
N GLY A 66 3.53 12.05 -21.77
CA GLY A 66 3.47 10.97 -22.75
C GLY A 66 4.55 9.97 -22.45
N TYR A 67 4.27 8.69 -22.66
CA TYR A 67 5.25 7.63 -22.40
C TYR A 67 5.06 6.46 -23.33
N GLN A 68 6.13 5.69 -23.51
CA GLN A 68 6.08 4.48 -24.31
C GLN A 68 6.50 3.30 -23.41
N LEU A 69 5.77 2.19 -23.48
CA LEU A 69 6.15 0.99 -22.74
C LEU A 69 7.03 0.14 -23.64
N CYS A 70 7.76 -0.81 -23.06
CA CYS A 70 8.69 -1.66 -23.80
C CYS A 70 8.04 -2.53 -24.90
N ASP A 71 6.71 -2.73 -24.84
CA ASP A 71 5.97 -3.50 -25.84
C ASP A 71 5.56 -2.63 -27.06
N ASN A 72 6.03 -1.37 -27.09
CA ASN A 72 5.79 -0.33 -28.11
C ASN A 72 4.41 0.33 -28.02
N SER A 73 3.65 0.05 -26.95
CA SER A 73 2.37 0.73 -26.71
C SER A 73 2.68 2.12 -26.17
N VAL A 74 1.84 3.11 -26.48
CA VAL A 74 2.02 4.49 -26.01
C VAL A 74 0.86 4.92 -25.14
N GLY A 75 1.14 5.83 -24.22
CA GLY A 75 0.12 6.32 -23.31
C GLY A 75 0.36 7.78 -22.97
N VAL A 76 -0.70 8.44 -22.49
CA VAL A 76 -0.58 9.83 -22.07
C VAL A 76 -1.37 9.95 -20.79
N LEU A 77 -0.78 10.59 -19.78
CA LEU A 77 -1.48 10.94 -18.55
C LEU A 77 -1.72 12.46 -18.67
N PHE A 78 -2.95 12.85 -19.06
CA PHE A 78 -3.32 14.24 -19.26
C PHE A 78 -3.38 15.01 -17.95
N ASN A 79 -3.30 16.35 -18.05
CA ASN A 79 -3.36 17.27 -16.91
C ASN A 79 -4.65 17.15 -16.11
N ASP A 80 -5.77 16.79 -16.78
CA ASP A 80 -7.07 16.58 -16.12
C ASP A 80 -7.16 15.24 -15.40
N SER A 81 -6.02 14.54 -15.28
CA SER A 81 -5.84 13.24 -14.62
C SER A 81 -6.58 12.10 -15.33
N THR A 82 -6.77 12.22 -16.64
CA THR A 82 -7.35 11.13 -17.46
C THR A 82 -6.21 10.50 -18.26
N ARG A 83 -6.39 9.27 -18.72
CA ARG A 83 -5.36 8.54 -19.45
C ARG A 83 -5.90 7.96 -20.72
N LEU A 84 -5.10 8.00 -21.78
CA LEU A 84 -5.43 7.37 -23.06
C LEU A 84 -4.24 6.53 -23.46
N ILE A 85 -4.49 5.24 -23.76
CA ILE A 85 -3.44 4.28 -24.11
C ILE A 85 -3.73 3.66 -25.45
N LEU A 86 -2.74 3.72 -26.34
CA LEU A 86 -2.82 3.11 -27.65
C LEU A 86 -1.98 1.84 -27.65
N TYR A 87 -2.62 0.70 -27.88
CA TYR A 87 -1.96 -0.61 -27.95
C TYR A 87 -0.98 -0.69 -29.12
N ASN A 88 -0.01 -1.61 -29.05
CA ASN A 88 1.04 -1.74 -30.06
C ASN A 88 0.55 -2.02 -31.51
N ASP A 89 -0.73 -2.40 -31.69
CA ASP A 89 -1.32 -2.63 -33.02
C ASP A 89 -1.61 -1.29 -33.76
N GLY A 90 -1.61 -0.19 -32.99
CA GLY A 90 -1.85 1.16 -33.49
C GLY A 90 -3.29 1.51 -33.75
N ASP A 91 -4.25 0.70 -33.25
CA ASP A 91 -5.69 0.94 -33.43
C ASP A 91 -6.48 0.80 -32.12
N SER A 92 -6.20 -0.26 -31.35
CA SER A 92 -6.89 -0.51 -30.09
C SER A 92 -6.54 0.53 -29.04
N LEU A 93 -7.56 1.12 -28.41
CA LEU A 93 -7.41 2.17 -27.41
C LEU A 93 -8.01 1.81 -26.06
N GLN A 94 -7.43 2.36 -25.00
CA GLN A 94 -7.95 2.22 -23.64
C GLN A 94 -8.01 3.62 -23.05
N TYR A 95 -9.18 4.01 -22.54
CA TYR A 95 -9.36 5.31 -21.92
C TYR A 95 -9.72 5.12 -20.46
N ILE A 96 -8.99 5.81 -19.59
CA ILE A 96 -9.21 5.73 -18.15
C ILE A 96 -9.62 7.09 -17.61
N GLU A 97 -10.80 7.15 -16.98
CA GLU A 97 -11.34 8.36 -16.36
C GLU A 97 -10.60 8.64 -15.04
N ARG A 98 -10.84 9.82 -14.43
CA ARG A 98 -10.18 10.19 -13.16
C ARG A 98 -10.50 9.20 -12.03
N ASP A 99 -11.77 8.72 -11.95
CA ASP A 99 -12.23 7.73 -10.97
C ASP A 99 -11.50 6.37 -11.10
N GLY A 100 -10.94 6.11 -12.28
CA GLY A 100 -10.21 4.90 -12.60
C GLY A 100 -10.95 3.97 -13.53
N THR A 101 -12.19 4.35 -13.94
CA THR A 101 -13.03 3.55 -14.84
C THR A 101 -12.41 3.44 -16.23
N GLU A 102 -12.28 2.19 -16.70
CA GLU A 102 -11.67 1.86 -17.99
C GLU A 102 -12.72 1.66 -19.08
N SER A 103 -12.37 2.07 -20.30
CA SER A 103 -13.20 1.94 -21.50
C SER A 103 -12.30 1.52 -22.64
N TYR A 104 -12.72 0.52 -23.41
CA TYR A 104 -11.93 0.01 -24.53
C TYR A 104 -12.59 0.32 -25.86
N LEU A 105 -11.86 1.03 -26.73
CA LEU A 105 -12.34 1.49 -28.04
C LEU A 105 -11.27 1.28 -29.13
N THR A 106 -11.51 1.80 -30.34
CA THR A 106 -10.57 1.73 -31.46
C THR A 106 -10.46 3.08 -32.14
N VAL A 107 -9.34 3.36 -32.84
CA VAL A 107 -9.13 4.61 -33.56
C VAL A 107 -10.11 4.66 -34.73
N SER A 108 -10.30 3.51 -35.43
CA SER A 108 -11.21 3.37 -36.58
C SER A 108 -12.66 3.69 -36.23
N SER A 109 -13.10 3.35 -35.00
CA SER A 109 -14.45 3.62 -34.50
C SER A 109 -14.35 4.21 -33.10
N HIS A 110 -13.97 5.49 -33.05
CA HIS A 110 -13.77 6.26 -31.82
C HIS A 110 -14.90 7.26 -31.60
N PRO A 111 -15.26 7.55 -30.33
CA PRO A 111 -16.28 8.58 -30.11
C PRO A 111 -15.70 9.96 -30.44
N ASN A 112 -16.53 10.86 -30.97
CA ASN A 112 -16.12 12.22 -31.31
C ASN A 112 -15.58 12.96 -30.07
N SER A 113 -15.95 12.47 -28.86
CA SER A 113 -15.53 13.01 -27.57
C SER A 113 -14.05 12.83 -27.30
N LEU A 114 -13.42 11.86 -27.97
CA LEU A 114 -12.00 11.59 -27.77
C LEU A 114 -11.10 12.09 -28.90
N MET A 115 -11.69 12.68 -29.97
CA MET A 115 -10.95 13.20 -31.13
C MET A 115 -9.74 14.07 -30.73
N LYS A 116 -9.97 15.03 -29.82
CA LYS A 116 -8.95 15.94 -29.29
C LYS A 116 -7.81 15.18 -28.58
N LYS A 117 -8.15 14.28 -27.65
CA LYS A 117 -7.19 13.48 -26.89
C LYS A 117 -6.45 12.47 -27.76
N ILE A 118 -7.11 11.91 -28.80
CA ILE A 118 -6.47 10.96 -29.72
C ILE A 118 -5.43 11.69 -30.55
N THR A 119 -5.78 12.89 -31.06
CA THR A 119 -4.87 13.74 -31.84
C THR A 119 -3.62 14.07 -31.03
N LEU A 120 -3.80 14.41 -29.74
CA LEU A 120 -2.70 14.70 -28.84
C LEU A 120 -1.81 13.47 -28.68
N LEU A 121 -2.40 12.29 -28.42
CA LEU A 121 -1.65 11.06 -28.26
C LEU A 121 -0.80 10.74 -29.51
N LYS A 122 -1.38 10.97 -30.70
CA LYS A 122 -0.67 10.74 -31.95
C LYS A 122 0.54 11.65 -32.07
N TYR A 123 0.43 12.93 -31.62
CA TYR A 123 1.58 13.85 -31.61
C TYR A 123 2.68 13.35 -30.67
N PHE A 124 2.30 12.95 -29.43
CA PHE A 124 3.21 12.41 -28.42
C PHE A 124 3.90 11.15 -28.95
N ARG A 125 3.13 10.24 -29.58
CA ARG A 125 3.64 9.00 -30.17
C ARG A 125 4.72 9.32 -31.22
N ASN A 126 4.42 10.27 -32.14
CA ASN A 126 5.32 10.70 -33.21
C ASN A 126 6.56 11.38 -32.68
N TYR A 127 6.43 12.19 -31.61
CA TYR A 127 7.59 12.85 -31.00
C TYR A 127 8.59 11.82 -30.50
N MET A 128 8.09 10.85 -29.69
CA MET A 128 8.89 9.79 -29.07
C MET A 128 9.59 8.93 -30.10
N SER A 129 8.90 8.61 -31.20
CA SER A 129 9.43 7.79 -32.28
C SER A 129 10.62 8.48 -32.95
N GLU A 130 10.44 9.77 -33.28
CA GLU A 130 11.44 10.58 -33.96
C GLU A 130 12.64 11.01 -33.12
N HIS A 131 12.44 11.28 -31.83
CA HIS A 131 13.49 11.87 -30.98
C HIS A 131 14.16 11.00 -29.96
N LEU A 132 13.46 10.05 -29.35
CA LEU A 132 13.98 9.34 -28.18
C LEU A 132 14.45 7.91 -28.38
N LEU A 133 15.43 7.52 -27.56
CA LEU A 133 16.04 6.21 -27.49
C LEU A 133 15.20 5.28 -26.60
N LYS A 134 15.05 4.02 -27.02
CA LYS A 134 14.27 3.03 -26.27
C LYS A 134 15.11 2.36 -25.17
N ALA A 135 14.77 2.60 -23.90
CA ALA A 135 15.45 1.98 -22.76
C ALA A 135 15.17 0.46 -22.69
N GLY A 136 16.22 -0.34 -22.58
CA GLY A 136 16.13 -1.79 -22.49
C GLY A 136 15.67 -2.46 -23.78
N ALA A 137 16.04 -1.85 -24.92
CA ALA A 137 15.67 -2.31 -26.26
C ALA A 137 16.14 -3.76 -26.60
N ASN A 138 17.25 -4.19 -25.99
CA ASN A 138 17.88 -5.50 -26.19
C ASN A 138 17.17 -6.70 -25.51
N ILE A 139 16.24 -6.45 -24.58
CA ILE A 139 15.54 -7.49 -23.82
C ILE A 139 14.45 -8.18 -24.65
N THR A 140 14.45 -9.52 -24.62
CA THR A 140 13.51 -10.39 -25.34
C THR A 140 12.30 -10.79 -24.47
N PRO A 141 11.06 -10.71 -25.01
CA PRO A 141 9.89 -11.12 -24.20
C PRO A 141 9.69 -12.64 -24.13
N ARG A 142 9.11 -13.10 -23.01
CA ARG A 142 8.83 -14.52 -22.74
C ARG A 142 7.59 -15.03 -23.49
N GLU A 143 7.45 -16.38 -23.51
CA GLU A 143 6.46 -17.20 -24.21
C GLU A 143 4.98 -16.77 -24.12
N GLY A 144 4.55 -16.16 -23.02
CA GLY A 144 3.15 -15.76 -22.85
C GLY A 144 2.88 -14.34 -22.39
N ASP A 145 3.95 -13.54 -22.26
CA ASP A 145 3.92 -12.14 -21.80
C ASP A 145 2.96 -11.21 -22.56
N GLU A 146 2.72 -11.49 -23.86
CA GLU A 146 1.84 -10.67 -24.71
C GLU A 146 0.37 -10.69 -24.31
N LEU A 147 -0.08 -11.70 -23.53
CA LEU A 147 -1.48 -11.79 -23.08
C LEU A 147 -1.76 -11.00 -21.80
N ALA A 148 -0.68 -10.62 -21.06
CA ALA A 148 -0.73 -9.86 -19.81
C ALA A 148 -1.50 -8.55 -19.90
N ARG A 149 -2.14 -8.14 -18.79
CA ARG A 149 -2.90 -6.90 -18.74
C ARG A 149 -1.94 -5.72 -18.91
N LEU A 150 -2.22 -4.86 -19.89
CA LEU A 150 -1.41 -3.69 -20.19
C LEU A 150 -1.60 -2.62 -19.10
N PRO A 151 -0.53 -2.29 -18.33
CA PRO A 151 -0.70 -1.29 -17.28
C PRO A 151 -0.69 0.14 -17.83
N TYR A 152 -1.22 1.07 -17.04
CA TYR A 152 -1.22 2.49 -17.37
C TYR A 152 -0.44 3.24 -16.28
N LEU A 153 -0.05 4.49 -16.58
CA LEU A 153 0.68 5.31 -15.61
C LEU A 153 -0.31 5.92 -14.62
N ARG A 154 -0.27 5.46 -13.36
CA ARG A 154 -1.13 5.94 -12.27
C ARG A 154 -0.74 7.37 -11.92
N THR A 155 0.52 7.55 -11.53
CA THR A 155 1.06 8.85 -11.14
C THR A 155 2.54 8.95 -11.45
N TRP A 156 3.08 10.17 -11.41
CA TRP A 156 4.50 10.44 -11.62
C TRP A 156 4.90 11.77 -11.02
N PHE A 157 6.20 11.92 -10.75
CA PHE A 157 6.76 13.17 -10.30
C PHE A 157 8.24 13.25 -10.62
N ARG A 158 8.78 14.47 -10.58
CA ARG A 158 10.17 14.78 -10.85
C ARG A 158 10.83 15.32 -9.60
N THR A 159 12.13 15.10 -9.49
CA THR A 159 12.96 15.66 -8.43
C THR A 159 14.14 16.29 -9.19
N ARG A 160 15.10 16.89 -8.46
CA ARG A 160 16.29 17.45 -9.11
C ARG A 160 17.21 16.35 -9.63
N SER A 161 17.01 15.10 -9.16
CA SER A 161 17.84 13.95 -9.50
C SER A 161 17.18 12.87 -10.36
N ALA A 162 15.85 12.71 -10.28
CA ALA A 162 15.17 11.62 -10.99
C ALA A 162 13.71 11.87 -11.34
N ILE A 163 13.15 11.00 -12.20
CA ILE A 163 11.73 10.96 -12.55
C ILE A 163 11.18 9.63 -11.95
N ILE A 164 10.04 9.71 -11.27
CA ILE A 164 9.43 8.57 -10.60
C ILE A 164 8.15 8.26 -11.30
N LEU A 165 8.00 7.02 -11.77
CA LEU A 165 6.83 6.57 -12.51
C LEU A 165 6.15 5.40 -11.82
N HIS A 166 4.89 5.58 -11.45
CA HIS A 166 4.14 4.55 -10.75
C HIS A 166 3.09 3.91 -11.68
N LEU A 167 3.28 2.64 -12.06
CA LEU A 167 2.38 1.93 -12.96
C LEU A 167 1.19 1.29 -12.25
N SER A 168 0.08 1.09 -12.98
CA SER A 168 -1.16 0.51 -12.45
C SER A 168 -1.02 -0.95 -11.97
N ASN A 169 0.02 -1.67 -12.43
CA ASN A 169 0.27 -3.05 -12.01
C ASN A 169 1.06 -3.13 -10.68
N GLY A 170 1.34 -1.96 -10.10
CA GLY A 170 2.07 -1.83 -8.85
C GLY A 170 3.53 -1.49 -8.98
N SER A 171 4.12 -1.68 -10.18
CA SER A 171 5.54 -1.43 -10.40
C SER A 171 5.91 0.04 -10.30
N VAL A 172 7.12 0.31 -9.79
CA VAL A 172 7.64 1.69 -9.65
C VAL A 172 8.97 1.79 -10.39
N GLN A 173 9.05 2.75 -11.31
CA GLN A 173 10.26 2.98 -12.09
C GLN A 173 10.90 4.30 -11.73
N ILE A 174 12.21 4.30 -11.49
CA ILE A 174 12.95 5.50 -11.15
C ILE A 174 14.07 5.64 -12.17
N ASN A 175 14.03 6.75 -12.93
CA ASN A 175 15.05 7.06 -13.92
C ASN A 175 15.90 8.22 -13.44
N PHE A 176 17.18 7.95 -13.16
CA PHE A 176 18.13 8.96 -12.68
C PHE A 176 18.66 9.77 -13.86
N PHE A 177 18.62 11.11 -13.72
CA PHE A 177 19.00 12.04 -14.77
C PHE A 177 20.49 12.12 -15.09
N GLN A 178 21.33 12.31 -14.06
CA GLN A 178 22.77 12.50 -14.21
C GLN A 178 23.52 11.35 -14.91
N ASP A 179 23.32 10.10 -14.44
CA ASP A 179 24.07 8.97 -14.98
C ASP A 179 23.26 7.99 -15.84
N HIS A 180 21.98 8.30 -16.08
CA HIS A 180 21.06 7.52 -16.92
C HIS A 180 20.79 6.10 -16.37
N THR A 181 21.05 5.88 -15.06
CA THR A 181 20.75 4.60 -14.42
C THR A 181 19.26 4.54 -14.13
N LYS A 182 18.71 3.32 -14.08
CA LYS A 182 17.28 3.12 -13.85
C LYS A 182 16.98 1.98 -12.91
N LEU A 183 15.93 2.14 -12.09
CA LEU A 183 15.43 1.09 -11.21
C LEU A 183 14.00 0.75 -11.58
N ILE A 184 13.65 -0.53 -11.54
CA ILE A 184 12.28 -0.98 -11.78
C ILE A 184 11.99 -1.92 -10.61
N LEU A 185 11.11 -1.49 -9.71
CA LEU A 185 10.74 -2.28 -8.54
C LEU A 185 9.42 -2.98 -8.75
N CYS A 186 9.40 -4.33 -8.65
CA CYS A 186 8.13 -5.05 -8.74
C CYS A 186 7.82 -5.70 -7.41
N PRO A 187 6.72 -5.25 -6.79
CA PRO A 187 6.40 -5.74 -5.43
C PRO A 187 5.86 -7.17 -5.36
N LEU A 188 5.16 -7.61 -6.42
CA LEU A 188 4.58 -8.96 -6.48
C LEU A 188 5.67 -10.03 -6.55
N MET A 189 6.81 -9.70 -7.14
CA MET A 189 7.94 -10.61 -7.27
C MET A 189 9.04 -10.29 -6.27
N ALA A 190 8.85 -9.19 -5.49
CA ALA A 190 9.82 -8.66 -4.50
C ALA A 190 11.20 -8.62 -5.13
N ALA A 191 11.27 -8.03 -6.33
CA ALA A 191 12.47 -7.95 -7.13
C ALA A 191 12.76 -6.54 -7.59
N VAL A 192 14.01 -6.28 -7.97
CA VAL A 192 14.45 -4.99 -8.48
C VAL A 192 15.34 -5.18 -9.71
N THR A 193 15.05 -4.42 -10.77
CA THR A 193 15.85 -4.43 -11.98
C THR A 193 16.67 -3.18 -12.01
N TYR A 194 17.97 -3.32 -12.21
CA TYR A 194 18.89 -2.20 -12.30
C TYR A 194 19.53 -2.12 -13.68
N ILE A 195 19.36 -0.98 -14.35
CA ILE A 195 19.98 -0.71 -15.65
C ILE A 195 21.12 0.27 -15.34
N ASP A 196 22.37 -0.15 -15.48
CA ASP A 196 23.50 0.70 -15.11
C ASP A 196 23.94 1.65 -16.24
N GLU A 197 25.06 2.38 -16.01
CA GLU A 197 25.67 3.34 -16.93
C GLU A 197 26.11 2.69 -18.25
N LYS A 198 26.50 1.41 -18.20
CA LYS A 198 26.91 0.64 -19.39
C LYS A 198 25.71 0.00 -20.12
N ARG A 199 24.48 0.36 -19.68
CA ARG A 199 23.18 -0.09 -20.20
C ARG A 199 22.93 -1.60 -19.97
N ASP A 200 23.70 -2.21 -19.03
CA ASP A 200 23.57 -3.61 -18.62
C ASP A 200 22.31 -3.73 -17.75
N PHE A 201 21.46 -4.71 -18.06
CA PHE A 201 20.17 -4.98 -17.42
C PHE A 201 20.28 -6.22 -16.51
N ARG A 202 20.17 -6.02 -15.18
CA ARG A 202 20.25 -7.09 -14.19
C ARG A 202 19.07 -7.03 -13.21
N THR A 203 18.44 -8.17 -12.96
CA THR A 203 17.30 -8.28 -12.04
C THR A 203 17.74 -9.06 -10.80
N TYR A 204 17.43 -8.53 -9.62
CA TYR A 204 17.80 -9.11 -8.32
C TYR A 204 16.59 -9.38 -7.45
N ARG A 205 16.62 -10.45 -6.66
CA ARG A 205 15.58 -10.72 -5.67
C ARG A 205 15.96 -9.90 -4.43
N LEU A 206 15.02 -9.09 -3.91
CA LEU A 206 15.26 -8.25 -2.75
C LEU A 206 15.67 -9.02 -1.49
N SER A 207 15.08 -10.21 -1.28
CA SER A 207 15.42 -11.06 -0.14
C SER A 207 16.85 -11.60 -0.22
N LEU A 208 17.36 -11.73 -1.45
CA LEU A 208 18.72 -12.20 -1.70
C LEU A 208 19.73 -11.07 -1.58
N LEU A 209 19.32 -9.82 -1.85
CA LEU A 209 20.21 -8.67 -1.65
C LEU A 209 20.42 -8.47 -0.15
N GLU A 210 19.41 -8.83 0.66
CA GLU A 210 19.48 -8.80 2.11
C GLU A 210 20.54 -9.87 2.55
N GLU A 211 20.48 -11.06 1.92
CA GLU A 211 21.33 -12.21 2.20
C GLU A 211 22.80 -12.03 1.78
N TYR A 212 23.04 -11.52 0.55
CA TYR A 212 24.39 -11.41 -0.02
C TYR A 212 24.97 -10.01 -0.12
N GLY A 213 24.10 -9.00 -0.03
CA GLY A 213 24.51 -7.60 -0.12
C GLY A 213 24.61 -7.09 -1.54
N CYS A 214 25.04 -5.83 -1.70
CA CYS A 214 25.24 -5.22 -3.01
C CYS A 214 26.27 -4.09 -2.95
N CYS A 215 26.63 -3.52 -4.11
CA CYS A 215 27.58 -2.42 -4.23
C CYS A 215 26.99 -1.15 -3.65
N LYS A 216 27.83 -0.16 -3.30
CA LYS A 216 27.39 1.13 -2.74
C LYS A 216 26.45 1.86 -3.68
N GLU A 217 26.69 1.73 -5.00
CA GLU A 217 25.92 2.32 -6.09
C GLU A 217 24.45 1.92 -5.96
N LEU A 218 24.15 0.61 -6.05
CA LEU A 218 22.80 0.08 -5.95
C LEU A 218 22.17 0.33 -4.59
N ALA A 219 22.96 0.17 -3.49
CA ALA A 219 22.49 0.41 -2.13
C ALA A 219 21.97 1.85 -1.96
N SER A 220 22.70 2.84 -2.56
CA SER A 220 22.34 4.25 -2.54
C SER A 220 21.01 4.50 -3.27
N ARG A 221 20.83 3.86 -4.46
CA ARG A 221 19.61 3.99 -5.27
C ARG A 221 18.42 3.40 -4.52
N LEU A 222 18.64 2.30 -3.78
CA LEU A 222 17.59 1.66 -2.99
C LEU A 222 17.12 2.51 -1.79
N ARG A 223 18.04 3.28 -1.17
CA ARG A 223 17.72 4.20 -0.08
C ARG A 223 16.88 5.33 -0.66
N TYR A 224 17.26 5.82 -1.86
CA TYR A 224 16.53 6.86 -2.58
C TYR A 224 15.14 6.36 -2.93
N ALA A 225 15.05 5.11 -3.44
CA ALA A 225 13.79 4.47 -3.83
C ALA A 225 12.83 4.42 -2.65
N ARG A 226 13.32 4.10 -1.43
CA ARG A 226 12.49 4.06 -0.23
C ARG A 226 11.86 5.43 0.04
N THR A 227 12.64 6.51 -0.12
CA THR A 227 12.16 7.90 0.05
C THR A 227 11.08 8.22 -1.00
N MET A 228 11.26 7.73 -2.22
CA MET A 228 10.32 7.95 -3.31
C MET A 228 8.98 7.24 -3.11
N VAL A 229 9.03 5.98 -2.62
CA VAL A 229 7.84 5.17 -2.35
C VAL A 229 7.03 5.80 -1.21
N ASP A 230 7.74 6.33 -0.20
CA ASP A 230 7.14 7.06 0.93
C ASP A 230 6.35 8.27 0.41
N LYS A 231 6.93 9.03 -0.54
CA LYS A 231 6.30 10.18 -1.17
C LYS A 231 5.02 9.76 -1.92
N LEU A 232 5.07 8.63 -2.67
CA LEU A 232 3.90 8.11 -3.39
C LEU A 232 2.75 7.77 -2.46
N LEU A 233 3.06 7.09 -1.33
CA LEU A 233 2.10 6.71 -0.29
C LEU A 233 1.47 7.92 0.40
N SER A 234 2.28 8.96 0.68
CA SER A 234 1.79 10.18 1.34
C SER A 234 0.91 11.05 0.43
N SER A 235 1.11 10.98 -0.91
CA SER A 235 0.35 11.71 -1.92
C SER A 235 -1.09 11.16 -2.04
N ASP B 13 -8.20 -18.27 13.43
CA ASP B 13 -7.34 -18.36 12.24
C ASP B 13 -8.17 -18.11 10.96
N CYS B 14 -9.05 -19.09 10.61
CA CYS B 14 -9.91 -19.12 9.42
C CYS B 14 -10.99 -18.05 9.38
N HIS B 15 -10.90 -17.05 10.29
CA HIS B 15 -11.86 -15.97 10.47
C HIS B 15 -11.90 -14.97 9.31
N LEU B 16 -10.77 -14.74 8.63
CA LEU B 16 -10.72 -13.83 7.48
C LEU B 16 -11.63 -14.25 6.34
N SER B 17 -11.68 -15.57 6.04
CA SER B 17 -12.53 -16.11 4.97
C SER B 17 -14.01 -15.95 5.28
N ASP B 18 -14.38 -16.06 6.58
CA ASP B 18 -15.75 -15.87 7.06
C ASP B 18 -16.16 -14.43 6.85
N MET B 19 -15.27 -13.49 7.22
CA MET B 19 -15.44 -12.04 7.08
C MET B 19 -15.62 -11.68 5.62
N LEU B 20 -14.79 -12.29 4.74
CA LEU B 20 -14.85 -12.06 3.30
C LEU B 20 -16.20 -12.51 2.73
N GLN B 21 -16.73 -13.66 3.19
CA GLN B 21 -18.03 -14.19 2.77
C GLN B 21 -19.16 -13.25 3.24
N GLN B 22 -19.10 -12.79 4.49
CA GLN B 22 -20.05 -11.86 5.09
C GLN B 22 -20.07 -10.54 4.31
N LEU B 23 -18.89 -10.02 3.94
CA LEU B 23 -18.77 -8.79 3.16
C LEU B 23 -19.29 -8.98 1.74
N HIS B 24 -18.99 -10.14 1.11
CA HIS B 24 -19.48 -10.47 -0.23
C HIS B 24 -21.00 -10.41 -0.25
N SER B 25 -21.63 -11.04 0.76
CA SER B 25 -23.08 -11.12 0.94
C SER B 25 -23.73 -9.73 1.03
N VAL B 26 -23.20 -8.85 1.89
CA VAL B 26 -23.73 -7.49 2.09
C VAL B 26 -23.50 -6.62 0.83
N ASN B 27 -22.30 -6.68 0.23
CA ASN B 27 -21.98 -5.87 -0.95
C ASN B 27 -22.77 -6.29 -2.19
N ALA B 28 -23.03 -7.60 -2.33
CA ALA B 28 -23.81 -8.15 -3.44
C ALA B 28 -25.26 -7.71 -3.37
N SER B 29 -25.78 -7.48 -2.16
CA SER B 29 -27.16 -7.04 -1.96
C SER B 29 -27.39 -5.56 -2.36
N LYS B 30 -26.31 -4.79 -2.71
CA LYS B 30 -26.33 -3.37 -3.09
C LYS B 30 -27.15 -2.59 -2.03
N PRO B 31 -26.63 -2.47 -0.79
CA PRO B 31 -27.42 -1.89 0.30
C PRO B 31 -27.82 -0.43 0.20
N SER B 32 -27.08 0.39 -0.55
CA SER B 32 -27.46 1.80 -0.69
C SER B 32 -28.47 2.02 -1.83
N GLU B 33 -28.82 0.95 -2.56
CA GLU B 33 -29.73 1.02 -3.71
C GLU B 33 -31.19 0.56 -3.43
N ARG B 34 -31.60 0.50 -2.15
CA ARG B 34 -32.95 0.09 -1.75
C ARG B 34 -33.98 1.19 -2.02
N GLY B 35 -35.26 0.79 -2.10
CA GLY B 35 -36.39 1.70 -2.27
C GLY B 35 -36.43 2.73 -1.16
N LEU B 36 -36.23 2.25 0.08
CA LEU B 36 -36.11 3.05 1.29
C LEU B 36 -35.12 2.37 2.22
N VAL B 37 -33.93 2.97 2.41
CA VAL B 37 -32.94 2.38 3.30
C VAL B 37 -33.26 2.78 4.74
N ARG B 38 -33.38 1.77 5.61
CA ARG B 38 -33.70 1.95 7.02
C ARG B 38 -32.58 1.35 7.87
N GLN B 39 -31.41 1.99 7.76
CA GLN B 39 -30.14 1.65 8.41
C GLN B 39 -30.26 1.50 9.92
N GLU B 40 -31.04 2.37 10.58
CA GLU B 40 -31.28 2.37 12.02
C GLU B 40 -31.82 1.03 12.51
N GLU B 41 -32.62 0.33 11.68
CA GLU B 41 -33.18 -0.98 12.02
C GLU B 41 -32.14 -2.11 12.01
N ALA B 42 -30.95 -1.84 11.44
CA ALA B 42 -29.85 -2.78 11.37
C ALA B 42 -28.89 -2.66 12.57
N GLU B 43 -29.10 -1.65 13.44
CA GLU B 43 -28.26 -1.42 14.63
C GLU B 43 -28.44 -2.50 15.68
N ASP B 44 -27.33 -2.87 16.35
CA ASP B 44 -27.35 -3.86 17.44
C ASP B 44 -26.35 -3.50 18.55
N PRO B 45 -26.85 -2.95 19.69
CA PRO B 45 -25.95 -2.58 20.81
C PRO B 45 -25.25 -3.76 21.47
N ALA B 46 -25.84 -4.96 21.38
CA ALA B 46 -25.28 -6.19 21.93
C ALA B 46 -24.03 -6.68 21.18
N CYS B 47 -23.81 -6.16 19.96
CA CYS B 47 -22.68 -6.54 19.10
C CYS B 47 -21.46 -5.63 19.26
N ILE B 48 -21.50 -4.65 20.17
CA ILE B 48 -20.38 -3.73 20.40
C ILE B 48 -19.09 -4.50 20.72
N PRO B 49 -17.99 -4.25 19.97
CA PRO B 49 -16.73 -4.98 20.25
C PRO B 49 -16.13 -4.63 21.61
N ILE B 50 -15.40 -5.59 22.19
CA ILE B 50 -14.73 -5.40 23.48
C ILE B 50 -13.40 -4.67 23.24
N PHE B 51 -12.69 -5.03 22.12
CA PHE B 51 -11.39 -4.48 21.79
C PHE B 51 -11.31 -3.82 20.43
N TRP B 52 -10.53 -2.73 20.36
CA TRP B 52 -10.17 -2.00 19.15
C TRP B 52 -8.93 -1.14 19.43
N VAL B 53 -8.26 -0.70 18.37
CA VAL B 53 -7.07 0.15 18.42
C VAL B 53 -7.51 1.60 18.60
N SER B 54 -7.22 2.18 19.78
CA SER B 54 -7.57 3.58 20.08
C SER B 54 -6.48 4.60 19.66
N LYS B 55 -5.19 4.17 19.60
CA LYS B 55 -4.03 4.98 19.19
C LYS B 55 -3.02 4.09 18.44
N TRP B 56 -2.20 4.68 17.55
CA TRP B 56 -1.14 3.94 16.86
C TRP B 56 -0.04 4.89 16.37
N VAL B 57 1.19 4.36 16.23
CA VAL B 57 2.36 5.12 15.77
C VAL B 57 3.16 4.26 14.82
N ASP B 58 3.52 4.83 13.67
CA ASP B 58 4.33 4.15 12.67
C ASP B 58 5.81 4.56 12.83
N TYR B 59 6.64 3.60 13.26
CA TYR B 59 8.09 3.74 13.42
C TYR B 59 8.75 2.56 12.67
N SER B 60 8.12 2.10 11.59
CA SER B 60 8.51 0.96 10.77
C SER B 60 9.90 0.99 10.15
N ASP B 61 10.47 2.19 9.95
CA ASP B 61 11.81 2.29 9.34
C ASP B 61 12.90 1.62 10.18
N LYS B 62 12.77 1.68 11.52
CA LYS B 62 13.77 1.10 12.42
C LYS B 62 13.25 0.17 13.49
N TYR B 63 12.05 0.45 14.08
CA TYR B 63 11.56 -0.34 15.21
C TYR B 63 10.27 -1.11 14.96
N GLY B 64 9.22 -0.45 14.49
CA GLY B 64 7.96 -1.12 14.23
C GLY B 64 6.73 -0.29 14.52
N LEU B 65 5.57 -0.94 14.65
CA LEU B 65 4.33 -0.23 14.91
C LEU B 65 3.84 -0.38 16.34
N GLY B 66 3.70 0.75 17.02
CA GLY B 66 3.18 0.79 18.37
C GLY B 66 1.70 1.10 18.33
N TYR B 67 0.93 0.54 19.25
CA TYR B 67 -0.51 0.77 19.29
C TYR B 67 -1.05 0.68 20.69
N GLN B 68 -2.19 1.31 20.94
CA GLN B 68 -2.86 1.25 22.22
C GLN B 68 -4.28 0.68 21.98
N LEU B 69 -4.71 -0.27 22.82
CA LEU B 69 -6.06 -0.79 22.72
C LEU B 69 -6.95 0.04 23.63
N CYS B 70 -8.27 -0.04 23.44
CA CYS B 70 -9.24 0.74 24.20
C CYS B 70 -9.24 0.48 25.73
N ASP B 71 -8.66 -0.65 26.16
CA ASP B 71 -8.55 -1.00 27.59
C ASP B 71 -7.30 -0.37 28.24
N ASN B 72 -6.57 0.49 27.49
CA ASN B 72 -5.34 1.21 27.86
C ASN B 72 -4.07 0.34 27.84
N SER B 73 -4.16 -0.91 27.33
CA SER B 73 -3.00 -1.77 27.16
C SER B 73 -2.25 -1.29 25.92
N VAL B 74 -0.91 -1.43 25.92
CA VAL B 74 -0.06 -1.02 24.78
C VAL B 74 0.64 -2.21 24.18
N GLY B 75 0.90 -2.15 22.89
CA GLY B 75 1.60 -3.21 22.20
C GLY B 75 2.49 -2.68 21.10
N VAL B 76 3.45 -3.49 20.68
CA VAL B 76 4.35 -3.12 19.60
C VAL B 76 4.50 -4.34 18.73
N LEU B 77 4.39 -4.16 17.41
CA LEU B 77 4.67 -5.21 16.44
C LEU B 77 6.02 -4.78 15.83
N PHE B 78 7.12 -5.39 16.30
CA PHE B 78 8.47 -5.06 15.86
C PHE B 78 8.73 -5.51 14.43
N ASN B 79 9.75 -4.92 13.81
CA ASN B 79 10.16 -5.21 12.43
C ASN B 79 10.55 -6.67 12.21
N ASP B 80 11.09 -7.33 13.25
CA ASP B 80 11.46 -8.75 13.21
C ASP B 80 10.25 -9.69 13.34
N SER B 81 9.04 -9.12 13.27
CA SER B 81 7.74 -9.79 13.35
C SER B 81 7.46 -10.40 14.73
N THR B 82 8.05 -9.83 15.79
CA THR B 82 7.77 -10.26 17.16
C THR B 82 6.88 -9.20 17.81
N ARG B 83 6.15 -9.56 18.86
CA ARG B 83 5.23 -8.65 19.52
C ARG B 83 5.45 -8.63 21.02
N LEU B 84 5.36 -7.45 21.62
CA LEU B 84 5.44 -7.28 23.07
C LEU B 84 4.24 -6.45 23.49
N ILE B 85 3.48 -6.96 24.47
CA ILE B 85 2.24 -6.33 24.93
C ILE B 85 2.33 -6.08 26.42
N LEU B 86 2.08 -4.84 26.83
CA LEU B 86 2.04 -4.46 28.23
C LEU B 86 0.58 -4.26 28.63
N TYR B 87 0.11 -5.06 29.58
CA TYR B 87 -1.25 -5.00 30.13
C TYR B 87 -1.52 -3.66 30.82
N ASN B 88 -2.81 -3.29 30.96
CA ASN B 88 -3.21 -2.01 31.54
C ASN B 88 -2.73 -1.75 32.99
N ASP B 89 -2.24 -2.79 33.70
CA ASP B 89 -1.71 -2.65 35.06
C ASP B 89 -0.29 -2.00 35.06
N GLY B 90 0.35 -1.99 33.88
CA GLY B 90 1.68 -1.44 33.64
C GLY B 90 2.85 -2.30 34.10
N ASP B 91 2.60 -3.60 34.39
CA ASP B 91 3.64 -4.54 34.83
C ASP B 91 3.59 -5.87 34.08
N SER B 92 2.39 -6.43 33.92
CA SER B 92 2.20 -7.71 33.23
C SER B 92 2.50 -7.59 31.74
N LEU B 93 3.35 -8.50 31.23
CA LEU B 93 3.79 -8.51 29.84
C LEU B 93 3.44 -9.78 29.11
N GLN B 94 3.24 -9.67 27.80
CA GLN B 94 3.02 -10.82 26.92
C GLN B 94 3.96 -10.66 25.72
N TYR B 95 4.76 -11.69 25.45
CA TYR B 95 5.68 -11.66 24.34
C TYR B 95 5.31 -12.76 23.36
N ILE B 96 5.17 -12.39 22.10
CA ILE B 96 4.82 -13.33 21.04
C ILE B 96 5.95 -13.42 20.03
N GLU B 97 6.47 -14.64 19.82
CA GLU B 97 7.53 -14.93 18.87
C GLU B 97 6.94 -14.94 17.44
N ARG B 98 7.81 -15.02 16.41
CA ARG B 98 7.36 -15.02 15.00
C ARG B 98 6.42 -16.21 14.69
N ASP B 99 6.74 -17.42 15.25
CA ASP B 99 5.95 -18.64 15.11
C ASP B 99 4.53 -18.52 15.70
N GLY B 100 4.36 -17.56 16.62
CA GLY B 100 3.10 -17.27 17.29
C GLY B 100 3.07 -17.71 18.74
N THR B 101 4.18 -18.31 19.24
CA THR B 101 4.31 -18.80 20.62
C THR B 101 4.27 -17.64 21.60
N GLU B 102 3.37 -17.75 22.59
CA GLU B 102 3.14 -16.75 23.62
C GLU B 102 3.89 -17.06 24.91
N SER B 103 4.36 -16.02 25.58
CA SER B 103 5.08 -16.10 26.84
C SER B 103 4.60 -14.96 27.72
N TYR B 104 4.27 -15.27 28.99
CA TYR B 104 3.77 -14.26 29.92
C TYR B 104 4.77 -14.00 31.02
N LEU B 105 5.18 -12.73 31.16
CA LEU B 105 6.19 -12.28 32.14
C LEU B 105 5.76 -10.97 32.81
N THR B 106 6.66 -10.33 33.59
CA THR B 106 6.41 -9.05 34.27
C THR B 106 7.59 -8.11 34.07
N VAL B 107 7.37 -6.79 34.17
CA VAL B 107 8.44 -5.79 34.04
C VAL B 107 9.38 -5.92 35.24
N SER B 108 8.81 -6.13 36.45
CA SER B 108 9.55 -6.28 37.70
C SER B 108 10.53 -7.48 37.68
N SER B 109 10.14 -8.58 37.00
CA SER B 109 10.96 -9.79 36.85
C SER B 109 10.94 -10.21 35.39
N HIS B 110 11.69 -9.47 34.57
CA HIS B 110 11.80 -9.66 33.12
C HIS B 110 13.15 -10.28 32.75
N PRO B 111 13.20 -11.11 31.67
CA PRO B 111 14.50 -11.65 31.26
C PRO B 111 15.34 -10.52 30.65
N ASN B 112 16.66 -10.57 30.85
CA ASN B 112 17.59 -9.58 30.29
C ASN B 112 17.49 -9.53 28.76
N SER B 113 16.96 -10.62 28.15
CA SER B 113 16.75 -10.76 26.70
C SER B 113 15.69 -9.80 26.15
N LEU B 114 14.79 -9.32 27.01
CA LEU B 114 13.74 -8.42 26.60
C LEU B 114 13.96 -6.96 26.99
N MET B 115 15.07 -6.64 27.71
CA MET B 115 15.41 -5.29 28.18
C MET B 115 15.30 -4.24 27.05
N LYS B 116 15.90 -4.54 25.89
CA LYS B 116 15.88 -3.68 24.70
C LYS B 116 14.44 -3.44 24.20
N LYS B 117 13.66 -4.51 24.01
CA LYS B 117 12.29 -4.44 23.52
C LYS B 117 11.34 -3.78 24.53
N ILE B 118 11.58 -3.96 25.84
CA ILE B 118 10.77 -3.34 26.89
C ILE B 118 10.99 -1.84 26.88
N THR B 119 12.27 -1.41 26.78
CA THR B 119 12.67 0.01 26.70
C THR B 119 11.97 0.69 25.53
N LEU B 120 11.95 0.01 24.36
CA LEU B 120 11.30 0.52 23.17
C LEU B 120 9.82 0.68 23.41
N LEU B 121 9.15 -0.35 23.98
CA LEU B 121 7.72 -0.31 24.27
C LEU B 121 7.37 0.87 25.19
N LYS B 122 8.22 1.12 26.21
CA LYS B 122 8.01 2.23 27.13
C LYS B 122 8.08 3.57 26.40
N TYR B 123 9.00 3.72 25.40
CA TYR B 123 9.07 4.95 24.59
C TYR B 123 7.79 5.13 23.76
N PHE B 124 7.34 4.05 23.08
CA PHE B 124 6.10 4.04 22.28
C PHE B 124 4.89 4.38 23.15
N ARG B 125 4.79 3.78 24.37
CA ARG B 125 3.72 4.03 25.33
C ARG B 125 3.67 5.53 25.69
N ASN B 126 4.85 6.11 26.03
CA ASN B 126 4.99 7.51 26.42
C ASN B 126 4.68 8.45 25.28
N TYR B 127 5.06 8.09 24.03
CA TYR B 127 4.76 8.92 22.86
C TYR B 127 3.24 9.06 22.70
N MET B 128 2.53 7.91 22.68
CA MET B 128 1.09 7.82 22.51
C MET B 128 0.32 8.58 23.57
N SER B 129 0.79 8.50 24.82
CA SER B 129 0.17 9.17 25.97
C SER B 129 0.25 10.69 25.81
N GLU B 130 1.45 11.19 25.47
CA GLU B 130 1.72 12.61 25.31
C GLU B 130 1.15 13.27 24.06
N HIS B 131 1.09 12.54 22.93
CA HIS B 131 0.71 13.13 21.65
C HIS B 131 -0.67 12.83 21.07
N LEU B 132 -1.18 11.61 21.28
CA LEU B 132 -2.37 11.17 20.56
C LEU B 132 -3.68 11.10 21.33
N LEU B 133 -4.77 11.30 20.57
CA LEU B 133 -6.17 11.25 21.00
C LEU B 133 -6.67 9.79 21.00
N LYS B 134 -7.44 9.40 22.03
CA LYS B 134 -8.00 8.06 22.17
C LYS B 134 -9.31 7.91 21.38
N ALA B 135 -9.31 7.07 20.34
CA ALA B 135 -10.52 6.79 19.54
C ALA B 135 -11.55 5.97 20.35
N GLY B 136 -12.80 6.44 20.36
CA GLY B 136 -13.90 5.79 21.06
C GLY B 136 -13.77 5.84 22.57
N ALA B 137 -13.18 6.94 23.08
CA ALA B 137 -12.94 7.18 24.51
C ALA B 137 -14.21 7.18 25.38
N ASN B 138 -15.36 7.56 24.79
CA ASN B 138 -16.68 7.67 25.44
C ASN B 138 -17.40 6.33 25.73
N ILE B 139 -16.95 5.22 25.10
CA ILE B 139 -17.58 3.91 25.24
C ILE B 139 -17.26 3.24 26.58
N THR B 140 -18.30 2.74 27.26
CA THR B 140 -18.23 2.07 28.56
C THR B 140 -18.11 0.55 28.41
N PRO B 141 -17.21 -0.13 29.16
CA PRO B 141 -17.11 -1.59 29.04
C PRO B 141 -18.20 -2.34 29.82
N ARG B 142 -18.58 -3.54 29.31
CA ARG B 142 -19.59 -4.40 29.92
C ARG B 142 -19.06 -5.14 31.15
N GLU B 143 -20.01 -5.73 31.92
CA GLU B 143 -19.88 -6.41 33.20
C GLU B 143 -18.71 -7.42 33.36
N GLY B 144 -18.33 -8.12 32.30
CA GLY B 144 -17.26 -9.12 32.40
C GLY B 144 -16.15 -9.06 31.35
N ASP B 145 -16.20 -8.04 30.49
CA ASP B 145 -15.26 -7.81 29.39
C ASP B 145 -13.77 -7.77 29.80
N GLU B 146 -13.45 -7.35 31.03
CA GLU B 146 -12.07 -7.25 31.52
C GLU B 146 -11.36 -8.61 31.66
N LEU B 147 -12.11 -9.73 31.73
CA LEU B 147 -11.50 -11.07 31.84
C LEU B 147 -11.13 -11.69 30.50
N ALA B 148 -11.66 -11.11 29.38
CA ALA B 148 -11.44 -11.56 28.00
C ALA B 148 -9.97 -11.64 27.61
N ARG B 149 -9.64 -12.56 26.68
CA ARG B 149 -8.28 -12.74 26.21
C ARG B 149 -7.86 -11.48 25.44
N LEU B 150 -6.74 -10.88 25.86
CA LEU B 150 -6.20 -9.67 25.25
C LEU B 150 -5.59 -9.99 23.87
N PRO B 151 -6.15 -9.46 22.78
CA PRO B 151 -5.60 -9.77 21.45
C PRO B 151 -4.35 -8.94 21.15
N TYR B 152 -3.56 -9.41 20.18
CA TYR B 152 -2.37 -8.72 19.72
C TYR B 152 -2.54 -8.40 18.23
N LEU B 153 -1.71 -7.48 17.71
CA LEU B 153 -1.76 -7.12 16.31
C LEU B 153 -1.00 -8.16 15.47
N ARG B 154 -1.75 -8.95 14.66
CA ARG B 154 -1.20 -10.00 13.80
C ARG B 154 -0.42 -9.35 12.67
N THR B 155 -1.09 -8.49 11.89
CA THR B 155 -0.51 -7.80 10.76
C THR B 155 -1.17 -6.45 10.54
N TRP B 156 -0.56 -5.60 9.70
CA TRP B 156 -1.07 -4.28 9.34
C TRP B 156 -0.45 -3.78 8.06
N PHE B 157 -1.14 -2.86 7.39
CA PHE B 157 -0.61 -2.19 6.22
C PHE B 157 -1.28 -0.84 6.02
N ARG B 158 -0.66 0.01 5.19
CA ARG B 158 -1.12 1.35 4.86
C ARG B 158 -1.45 1.42 3.38
N THR B 159 -2.37 2.31 3.03
CA THR B 159 -2.73 2.64 1.65
C THR B 159 -2.68 4.16 1.60
N ARG B 160 -2.98 4.78 0.45
CA ARG B 160 -3.00 6.24 0.34
C ARG B 160 -4.23 6.80 1.07
N SER B 161 -5.22 5.94 1.38
CA SER B 161 -6.49 6.33 2.02
C SER B 161 -6.70 5.83 3.45
N ALA B 162 -6.10 4.70 3.84
CA ALA B 162 -6.35 4.13 5.16
C ALA B 162 -5.22 3.25 5.74
N ILE B 163 -5.32 2.93 7.04
CA ILE B 163 -4.46 1.99 7.75
C ILE B 163 -5.34 0.78 8.12
N ILE B 164 -4.85 -0.42 7.83
CA ILE B 164 -5.59 -1.67 8.06
C ILE B 164 -4.89 -2.43 9.15
N LEU B 165 -5.64 -2.77 10.21
CA LEU B 165 -5.11 -3.46 11.38
C LEU B 165 -5.84 -4.78 11.61
N HIS B 166 -5.10 -5.90 11.57
CA HIS B 166 -5.68 -7.22 11.76
C HIS B 166 -5.32 -7.80 13.13
N LEU B 167 -6.31 -7.92 14.04
CA LEU B 167 -6.09 -8.43 15.40
C LEU B 167 -6.13 -9.95 15.49
N SER B 168 -5.45 -10.50 16.51
CA SER B 168 -5.36 -11.94 16.74
C SER B 168 -6.69 -12.63 17.04
N ASN B 169 -7.70 -11.87 17.51
CA ASN B 169 -9.04 -12.39 17.80
C ASN B 169 -9.92 -12.51 16.53
N GLY B 170 -9.35 -12.14 15.38
CA GLY B 170 -10.00 -12.18 14.09
C GLY B 170 -10.53 -10.85 13.60
N SER B 171 -10.67 -9.85 14.50
CA SER B 171 -11.20 -8.54 14.12
C SER B 171 -10.30 -7.76 13.19
N VAL B 172 -10.90 -6.97 12.29
CA VAL B 172 -10.19 -6.13 11.33
C VAL B 172 -10.63 -4.68 11.50
N GLN B 173 -9.67 -3.78 11.74
CA GLN B 173 -9.94 -2.37 11.90
C GLN B 173 -9.38 -1.56 10.74
N ILE B 174 -10.19 -0.67 10.18
CA ILE B 174 -9.78 0.19 9.09
C ILE B 174 -9.99 1.63 9.51
N ASN B 175 -8.89 2.40 9.55
CA ASN B 175 -8.94 3.81 9.92
C ASN B 175 -8.67 4.66 8.69
N PHE B 176 -9.68 5.42 8.25
CA PHE B 176 -9.58 6.29 7.08
C PHE B 176 -8.91 7.60 7.47
N PHE B 177 -7.89 7.99 6.70
CA PHE B 177 -7.07 9.17 6.96
C PHE B 177 -7.76 10.52 6.76
N GLN B 178 -8.39 10.71 5.57
CA GLN B 178 -9.01 11.97 5.17
C GLN B 178 -10.12 12.46 6.10
N ASP B 179 -11.12 11.62 6.41
CA ASP B 179 -12.27 12.05 7.21
C ASP B 179 -12.31 11.51 8.65
N HIS B 180 -11.29 10.76 9.06
CA HIS B 180 -11.14 10.17 10.40
C HIS B 180 -12.23 9.15 10.75
N THR B 181 -12.92 8.61 9.74
CA THR B 181 -13.93 7.57 9.95
C THR B 181 -13.22 6.24 10.19
N LYS B 182 -13.86 5.32 10.93
CA LYS B 182 -13.26 4.04 11.25
C LYS B 182 -14.27 2.89 11.14
N LEU B 183 -13.78 1.71 10.71
CA LEU B 183 -14.57 0.48 10.66
C LEU B 183 -13.91 -0.56 11.54
N ILE B 184 -14.72 -1.34 12.26
CA ILE B 184 -14.24 -2.46 13.08
C ILE B 184 -15.14 -3.61 12.69
N LEU B 185 -14.58 -4.60 12.00
CA LEU B 185 -15.32 -5.78 11.56
C LEU B 185 -15.06 -6.96 12.47
N CYS B 186 -16.11 -7.53 13.08
CA CYS B 186 -15.92 -8.75 13.87
C CYS B 186 -16.62 -9.91 13.20
N PRO B 187 -15.85 -10.92 12.79
CA PRO B 187 -16.42 -12.04 12.04
C PRO B 187 -17.26 -13.03 12.88
N LEU B 188 -16.89 -13.20 14.16
CA LEU B 188 -17.59 -14.12 15.07
C LEU B 188 -19.01 -13.63 15.36
N MET B 189 -19.22 -12.31 15.35
CA MET B 189 -20.52 -11.71 15.60
C MET B 189 -21.19 -11.26 14.32
N ALA B 190 -20.47 -11.39 13.17
CA ALA B 190 -20.89 -10.96 11.82
C ALA B 190 -21.47 -9.55 11.91
N ALA B 191 -20.68 -8.65 12.56
CA ALA B 191 -21.07 -7.27 12.83
C ALA B 191 -20.02 -6.29 12.39
N VAL B 192 -20.42 -5.04 12.22
CA VAL B 192 -19.53 -3.94 11.84
C VAL B 192 -19.81 -2.69 12.66
N THR B 193 -18.75 -2.11 13.23
CA THR B 193 -18.84 -0.86 13.99
C THR B 193 -18.34 0.26 13.13
N TYR B 194 -19.12 1.32 13.01
CA TYR B 194 -18.75 2.50 12.25
C TYR B 194 -18.65 3.72 13.15
N ILE B 195 -17.48 4.37 13.16
CA ILE B 195 -17.24 5.61 13.89
C ILE B 195 -17.21 6.70 12.81
N ASP B 196 -18.22 7.58 12.78
CA ASP B 196 -18.31 8.59 11.73
C ASP B 196 -17.48 9.86 12.03
N GLU B 197 -17.61 10.88 11.16
CA GLU B 197 -16.94 12.18 11.24
C GLU B 197 -17.31 12.94 12.51
N LYS B 198 -18.55 12.76 13.02
CA LYS B 198 -19.04 13.40 14.24
C LYS B 198 -18.63 12.59 15.50
N ARG B 199 -17.79 11.55 15.32
CA ARG B 199 -17.26 10.65 16.35
C ARG B 199 -18.35 9.76 17.00
N ASP B 200 -19.52 9.66 16.33
CA ASP B 200 -20.65 8.81 16.75
C ASP B 200 -20.30 7.35 16.46
N PHE B 201 -20.48 6.49 17.46
CA PHE B 201 -20.15 5.07 17.45
C PHE B 201 -21.43 4.20 17.32
N ARG B 202 -21.59 3.52 16.18
CA ARG B 202 -22.75 2.67 15.89
C ARG B 202 -22.31 1.30 15.40
N THR B 203 -22.92 0.24 15.95
CA THR B 203 -22.63 -1.15 15.59
C THR B 203 -23.84 -1.75 14.86
N TYR B 204 -23.60 -2.39 13.72
CA TYR B 204 -24.63 -2.98 12.87
C TYR B 204 -24.41 -4.46 12.64
N ARG B 205 -25.50 -5.25 12.54
CA ARG B 205 -25.40 -6.66 12.18
C ARG B 205 -25.33 -6.69 10.65
N LEU B 206 -24.34 -7.38 10.08
CA LEU B 206 -24.16 -7.48 8.62
C LEU B 206 -25.35 -8.09 7.89
N SER B 207 -26.00 -9.09 8.50
CA SER B 207 -27.18 -9.74 7.92
C SER B 207 -28.38 -8.78 7.85
N LEU B 208 -28.41 -7.81 8.78
CA LEU B 208 -29.46 -6.81 8.84
C LEU B 208 -29.21 -5.66 7.86
N LEU B 209 -27.93 -5.36 7.55
CA LEU B 209 -27.60 -4.35 6.55
C LEU B 209 -28.01 -4.88 5.17
N GLU B 210 -27.94 -6.20 4.99
CA GLU B 210 -28.39 -6.88 3.78
C GLU B 210 -29.93 -6.70 3.66
N GLU B 211 -30.64 -6.87 4.81
CA GLU B 211 -32.09 -6.77 4.93
C GLU B 211 -32.67 -5.35 4.78
N TYR B 212 -32.06 -4.35 5.43
CA TYR B 212 -32.55 -2.98 5.46
C TYR B 212 -31.75 -1.95 4.65
N GLY B 213 -30.51 -2.28 4.29
CA GLY B 213 -29.63 -1.40 3.54
C GLY B 213 -28.89 -0.41 4.42
N CYS B 214 -28.12 0.49 3.77
CA CYS B 214 -27.38 1.56 4.46
C CYS B 214 -27.12 2.75 3.54
N CYS B 215 -26.54 3.83 4.09
CA CYS B 215 -26.19 5.05 3.35
C CYS B 215 -25.03 4.77 2.39
N LYS B 216 -24.85 5.62 1.36
CA LYS B 216 -23.77 5.47 0.37
C LYS B 216 -22.38 5.50 1.03
N GLU B 217 -22.25 6.31 2.09
CA GLU B 217 -21.05 6.49 2.90
C GLU B 217 -20.56 5.12 3.42
N LEU B 218 -21.38 4.45 4.25
CA LEU B 218 -21.07 3.15 4.82
C LEU B 218 -20.90 2.07 3.76
N ALA B 219 -21.79 2.06 2.73
CA ALA B 219 -21.73 1.09 1.64
C ALA B 219 -20.37 1.15 0.91
N SER B 220 -19.84 2.38 0.69
CA SER B 220 -18.54 2.63 0.06
C SER B 220 -17.39 2.05 0.91
N ARG B 221 -17.43 2.28 2.24
CA ARG B 221 -16.42 1.79 3.18
C ARG B 221 -16.42 0.28 3.21
N LEU B 222 -17.61 -0.36 3.10
CA LEU B 222 -17.74 -1.81 3.10
C LEU B 222 -17.17 -2.46 1.83
N ARG B 223 -17.27 -1.77 0.67
CA ARG B 223 -16.70 -2.25 -0.60
C ARG B 223 -15.18 -2.17 -0.47
N TYR B 224 -14.67 -1.08 0.16
CA TYR B 224 -13.25 -0.88 0.41
C TYR B 224 -12.75 -1.97 1.36
N ALA B 225 -13.52 -2.26 2.43
CA ALA B 225 -13.19 -3.28 3.42
C ALA B 225 -13.02 -4.63 2.77
N ARG B 226 -13.90 -5.01 1.81
CA ARG B 226 -13.83 -6.27 1.08
C ARG B 226 -12.48 -6.39 0.34
N THR B 227 -12.04 -5.29 -0.31
CA THR B 227 -10.75 -5.22 -1.02
C THR B 227 -9.59 -5.41 -0.02
N MET B 228 -9.72 -4.83 1.18
CA MET B 228 -8.69 -4.93 2.21
C MET B 228 -8.55 -6.33 2.78
N VAL B 229 -9.69 -7.02 3.01
CA VAL B 229 -9.71 -8.39 3.55
C VAL B 229 -9.12 -9.34 2.54
N ASP B 230 -9.39 -9.11 1.24
CA ASP B 230 -8.82 -9.88 0.13
C ASP B 230 -7.29 -9.77 0.15
N LYS B 231 -6.76 -8.55 0.35
CA LYS B 231 -5.32 -8.29 0.46
C LYS B 231 -4.71 -9.05 1.65
N LEU B 232 -5.38 -9.06 2.81
CA LEU B 232 -4.92 -9.79 4.00
C LEU B 232 -4.81 -11.30 3.75
N LEU B 233 -5.84 -11.88 3.08
CA LEU B 233 -5.89 -13.30 2.72
C LEU B 233 -4.81 -13.68 1.70
N SER B 234 -4.54 -12.81 0.71
CA SER B 234 -3.51 -13.06 -0.31
C SER B 234 -2.07 -12.96 0.24
N SER B 235 -1.86 -12.13 1.30
CA SER B 235 -0.56 -11.94 1.97
C SER B 235 -0.18 -13.19 2.75
N ARG B 236 -1.17 -13.79 3.48
CA ARG B 236 -1.14 -15.01 4.32
C ARG B 236 0.22 -15.27 5.01
N ALA C 6 13.43 12.32 20.10
CA ALA C 6 14.12 13.26 19.20
C ALA C 6 13.62 13.23 17.74
N THR C 7 13.61 12.05 17.07
CA THR C 7 13.12 11.95 15.69
C THR C 7 11.62 11.66 15.67
N PRO C 8 10.84 12.53 14.99
CA PRO C 8 9.39 12.30 14.89
C PRO C 8 9.04 11.06 14.07
N PRO C 9 7.92 10.37 14.37
CA PRO C 9 7.55 9.18 13.59
C PRO C 9 7.15 9.47 12.14
N THR C 10 7.11 8.40 11.31
CA THR C 10 6.71 8.42 9.89
C THR C 10 5.26 8.94 9.79
N LEU C 11 4.37 8.35 10.59
CA LEU C 11 2.95 8.64 10.69
C LEU C 11 2.45 8.30 12.10
N SER C 12 1.27 8.81 12.44
CA SER C 12 0.61 8.55 13.73
C SER C 12 -0.90 8.79 13.60
N SER C 13 -1.66 8.34 14.60
CA SER C 13 -3.10 8.56 14.65
C SER C 13 -3.37 10.04 15.01
N VAL C 15 -3.82 13.57 16.41
CA VAL C 15 -3.05 14.33 17.41
C VAL C 15 -3.97 15.17 18.29
N LEU C 16 -3.60 15.39 19.58
CA LEU C 16 -4.39 16.17 20.54
C LEU C 16 -4.45 17.65 20.17
N ILE C 17 -5.52 18.35 20.62
CA ILE C 17 -5.72 19.79 20.40
C ILE C 17 -6.03 20.49 21.73
N ALA D 6 6.88 24.07 -33.93
CA ALA D 6 6.86 23.06 -32.90
C ALA D 6 7.55 23.55 -31.63
N THR D 7 6.79 23.51 -30.51
CA THR D 7 7.29 23.90 -29.19
C THR D 7 7.97 22.70 -28.51
N PRO D 8 9.26 22.85 -28.11
CA PRO D 8 9.95 21.73 -27.45
C PRO D 8 9.39 21.43 -26.06
N PRO D 9 9.41 20.16 -25.60
CA PRO D 9 8.88 19.85 -24.26
C PRO D 9 9.72 20.40 -23.12
N THR D 10 9.14 20.38 -21.89
CA THR D 10 9.79 20.82 -20.64
C THR D 10 11.04 19.96 -20.39
N LEU D 11 10.86 18.63 -20.47
CA LEU D 11 11.87 17.59 -20.29
C LEU D 11 11.48 16.34 -21.09
N SER D 12 12.43 15.45 -21.30
CA SER D 12 12.23 14.18 -22.00
C SER D 12 13.31 13.18 -21.60
N SER D 13 13.09 11.90 -21.94
CA SER D 13 14.07 10.86 -21.71
C SER D 13 15.23 11.01 -22.74
N VAL D 15 17.75 11.24 -25.64
CA VAL D 15 17.60 11.53 -27.07
C VAL D 15 18.53 10.63 -27.90
N LEU D 16 18.10 10.27 -29.14
CA LEU D 16 18.85 9.42 -30.09
C LEU D 16 20.14 10.09 -30.53
N ILE D 17 21.12 9.26 -30.94
CA ILE D 17 22.43 9.69 -31.48
C ILE D 17 22.71 8.97 -32.80
#